data_1QWA
#
_entry.id   1QWA
#
_entity_poly.entity_id   1
_entity_poly.type   'polyribonucleotide'
_entity_poly.pdbx_seq_one_letter_code
;GGAUGCCUCCCGAGUGCAUCC
;
_entity_poly.pdbx_strand_id   A
#
loop_
_chem_comp.id
_chem_comp.type
_chem_comp.name
_chem_comp.formula
A RNA linking ADENOSINE-5'-MONOPHOSPHATE 'C10 H14 N5 O7 P'
C RNA linking CYTIDINE-5'-MONOPHOSPHATE 'C9 H14 N3 O8 P'
G RNA linking GUANOSINE-5'-MONOPHOSPHATE 'C10 H14 N5 O8 P'
U RNA linking URIDINE-5'-MONOPHOSPHATE 'C9 H13 N2 O9 P'
#